data_5CFT
#
_entry.id   5CFT
#
_cell.length_a   40.580
_cell.length_b   46.030
_cell.length_c   89.000
_cell.angle_alpha   90.000
_cell.angle_beta   90.000
_cell.angle_gamma   90.000
#
_symmetry.space_group_name_H-M   'P 21 21 21'
#
loop_
_entity.id
_entity.type
_entity.pdbx_description
1 polymer 'Aminoglycoside Nucleotidyltransferase (2")-Ia'
2 non-polymer 'MANGANESE (II) ION'
3 non-polymer 'DIPHOSPHOMETHYLPHOSPHONIC ACID ADENOSYL ESTER'
4 non-polymer 'gentamicin C1'
5 non-polymer 'HEXAETHYLENE GLYCOL'
6 water water
#
_entity_poly.entity_id   1
_entity_poly.type   'polypeptide(L)'
_entity_poly.pdbx_seq_one_letter_code
;LEHHHHHHMDTTQVTLIHKILAAADERNLPLWIGGGWAIDARLGRVTRKHDDIDLTFPGERRGELEAIVEMLGGRVMEEL
DYGFLAEIGDELLDCEPAWWADEAYEIAEAPQGSCPEAAEGVIAGRPVRCNSWEAIIWDYFYYADEVPPVDWPTKHIESY
RLACTSLGAEKVEVLRAAFRSRYAA
;
_entity_poly.pdbx_strand_id   A
#
loop_
_chem_comp.id
_chem_comp.type
_chem_comp.name
_chem_comp.formula
51G non-polymer 'gentamicin C1' 'C21 H43 N5 O7'
APC non-polymer 'DIPHOSPHOMETHYLPHOSPHONIC ACID ADENOSYL ESTER' 'C11 H18 N5 O12 P3'
MN non-polymer 'MANGANESE (II) ION' 'Mn 2'
P6G non-polymer 'HEXAETHYLENE GLYCOL' 'C12 H26 O7'
#
# COMPACT_ATOMS: atom_id res chain seq x y z
N ASP A 10 11.88 -3.83 12.92
CA ASP A 10 11.74 -5.28 12.77
C ASP A 10 12.46 -5.78 11.54
N THR A 11 13.52 -6.50 11.84
CA THR A 11 14.42 -6.91 10.85
C THR A 11 13.67 -7.95 10.01
N THR A 12 12.86 -8.86 10.56
CA THR A 12 12.23 -9.86 9.68
C THR A 12 11.36 -9.22 8.61
N GLN A 13 10.47 -8.30 8.99
CA GLN A 13 9.67 -7.63 7.98
C GLN A 13 10.46 -6.88 6.96
N VAL A 14 11.48 -6.16 7.41
CA VAL A 14 12.27 -5.35 6.50
C VAL A 14 12.99 -6.30 5.56
N THR A 15 13.58 -7.37 6.09
CA THR A 15 14.27 -8.32 5.21
C THR A 15 13.31 -8.96 4.20
N LEU A 16 12.11 -9.30 4.67
CA LEU A 16 11.10 -9.91 3.83
C LEU A 16 10.66 -8.97 2.71
N ILE A 17 10.48 -7.69 3.01
CA ILE A 17 10.10 -6.70 2.00
C ILE A 17 11.21 -6.69 0.95
N HIS A 18 12.48 -6.66 1.37
N HIS A 18 12.47 -6.70 1.34
CA HIS A 18 13.59 -6.66 0.40
CA HIS A 18 13.46 -6.60 0.30
C HIS A 18 13.52 -7.89 -0.46
C HIS A 18 13.67 -7.91 -0.45
N LYS A 19 13.35 -9.06 0.16
CA LYS A 19 13.30 -10.31 -0.61
C LYS A 19 12.18 -10.32 -1.65
N ILE A 20 11.01 -9.85 -1.27
CA ILE A 20 9.87 -9.82 -2.20
C ILE A 20 10.18 -8.90 -3.35
N LEU A 21 10.68 -7.69 -3.04
CA LEU A 21 10.90 -6.71 -4.10
C LEU A 21 12.07 -7.13 -4.98
N ALA A 22 13.11 -7.72 -4.45
CA ALA A 22 14.21 -8.20 -5.28
C ALA A 22 13.71 -9.25 -6.27
N ALA A 23 12.90 -10.18 -5.79
CA ALA A 23 12.36 -11.22 -6.67
C ALA A 23 11.47 -10.63 -7.74
N ALA A 24 10.63 -9.68 -7.34
CA ALA A 24 9.74 -9.01 -8.30
C ALA A 24 10.55 -8.23 -9.29
N ASP A 25 11.58 -7.52 -8.85
CA ASP A 25 12.44 -6.74 -9.73
C ASP A 25 13.05 -7.63 -10.87
N GLU A 26 13.47 -8.82 -10.49
CA GLU A 26 14.13 -9.71 -11.42
C GLU A 26 13.23 -10.08 -12.57
N ARG A 27 11.93 -10.15 -12.32
CA ARG A 27 11.01 -10.47 -13.40
C ARG A 27 10.21 -9.27 -13.90
N ASN A 28 10.72 -8.08 -13.63
CA ASN A 28 10.07 -6.84 -14.07
C ASN A 28 8.61 -6.78 -13.69
N LEU A 29 8.34 -7.26 -12.49
CA LEU A 29 7.02 -7.15 -11.84
C LEU A 29 7.01 -5.98 -10.84
N PRO A 30 6.32 -4.87 -11.15
CA PRO A 30 6.23 -3.77 -10.20
C PRO A 30 5.29 -4.13 -9.07
N LEU A 31 5.67 -3.72 -7.86
CA LEU A 31 4.82 -3.91 -6.70
C LEU A 31 4.88 -2.63 -5.91
N TRP A 32 3.76 -2.18 -5.41
CA TRP A 32 3.71 -0.96 -4.63
C TRP A 32 3.44 -1.26 -3.19
N ILE A 33 4.32 -0.82 -2.30
CA ILE A 33 4.02 -0.86 -0.88
C ILE A 33 2.86 0.10 -0.57
N GLY A 34 1.95 -0.33 0.26
CA GLY A 34 0.78 0.42 0.67
C GLY A 34 0.69 0.57 2.16
N GLY A 35 -0.39 1.20 2.60
CA GLY A 35 -0.68 1.25 4.01
C GLY A 35 0.40 1.82 4.90
N GLY A 36 0.57 1.22 6.08
CA GLY A 36 1.48 1.74 7.09
C GLY A 36 2.90 1.82 6.63
N TRP A 37 3.37 0.76 5.97
CA TRP A 37 4.73 0.78 5.46
C TRP A 37 4.91 1.81 4.35
N ALA A 38 3.89 2.13 3.58
CA ALA A 38 4.02 3.13 2.53
C ALA A 38 4.24 4.50 3.16
N ILE A 39 3.54 4.76 4.27
CA ILE A 39 3.76 6.00 4.94
C ILE A 39 5.19 6.10 5.41
N ASP A 40 5.65 5.04 6.06
CA ASP A 40 7.02 5.02 6.58
C ASP A 40 8.01 5.09 5.39
N ALA A 41 7.70 4.48 4.26
CA ALA A 41 8.60 4.55 3.10
C ALA A 41 8.71 5.95 2.54
N ARG A 42 7.59 6.67 2.43
CA ARG A 42 7.64 8.00 1.90
C ARG A 42 8.34 8.95 2.90
N LEU A 43 8.22 8.67 4.20
N LEU A 43 8.23 8.67 4.20
CA LEU A 43 8.92 9.46 5.19
CA LEU A 43 8.91 9.47 5.21
C LEU A 43 10.39 9.13 5.30
C LEU A 43 10.40 9.13 5.31
N GLY A 44 10.77 7.93 4.87
CA GLY A 44 12.12 7.44 5.06
C GLY A 44 12.45 7.19 6.49
N ARG A 45 11.44 6.90 7.30
CA ARG A 45 11.64 6.68 8.72
C ARG A 45 10.64 5.65 9.20
N VAL A 46 11.08 4.67 9.99
CA VAL A 46 10.15 3.75 10.66
C VAL A 46 9.48 4.49 11.81
N THR A 47 8.15 4.44 11.90
CA THR A 47 7.46 5.23 12.91
C THR A 47 6.79 4.37 14.01
N ARG A 48 6.69 3.06 13.77
CA ARG A 48 6.05 2.14 14.69
C ARG A 48 6.17 0.73 14.13
N LYS A 49 5.79 -0.23 14.96
CA LYS A 49 5.63 -1.62 14.52
C LYS A 49 4.45 -1.70 13.55
N HIS A 50 4.58 -2.53 12.53
CA HIS A 50 3.55 -2.72 11.52
C HIS A 50 3.01 -4.13 11.60
N ASP A 51 1.69 -4.24 11.57
CA ASP A 51 1.06 -5.55 11.75
C ASP A 51 1.11 -6.43 10.51
N ASP A 52 1.19 -5.81 9.35
CA ASP A 52 1.30 -6.54 8.08
C ASP A 52 2.05 -5.73 7.05
N ILE A 53 2.19 -6.30 5.84
CA ILE A 53 2.76 -5.63 4.70
C ILE A 53 1.66 -5.55 3.65
N ASP A 54 1.22 -4.36 3.30
CA ASP A 54 0.25 -4.11 2.27
C ASP A 54 0.94 -3.94 0.93
N LEU A 55 0.47 -4.66 -0.08
CA LEU A 55 1.07 -4.65 -1.41
C LEU A 55 -0.01 -4.44 -2.45
N THR A 56 0.28 -3.64 -3.47
CA THR A 56 -0.53 -3.49 -4.66
C THR A 56 0.24 -4.13 -5.82
N PHE A 57 -0.42 -4.96 -6.62
CA PHE A 57 0.22 -5.73 -7.70
C PHE A 57 -0.59 -5.59 -8.99
N PRO A 58 0.05 -5.73 -10.15
CA PRO A 58 -0.70 -5.77 -11.42
C PRO A 58 -1.70 -6.92 -11.42
N GLY A 59 -3.00 -6.64 -11.55
CA GLY A 59 -4.00 -7.66 -11.41
C GLY A 59 -3.87 -8.78 -12.41
N GLU A 60 -3.39 -8.47 -13.62
CA GLU A 60 -3.26 -9.48 -14.65
C GLU A 60 -2.00 -10.31 -14.51
N ARG A 61 -1.13 -9.95 -13.55
CA ARG A 61 0.03 -10.74 -13.20
C ARG A 61 -0.06 -11.32 -11.81
N ARG A 62 -1.28 -11.55 -11.28
CA ARG A 62 -1.44 -12.12 -9.96
C ARG A 62 -0.63 -13.42 -9.75
N GLY A 63 -0.62 -14.28 -10.73
CA GLY A 63 0.07 -15.56 -10.63
C GLY A 63 1.54 -15.36 -10.36
N GLU A 64 2.14 -14.30 -10.90
CA GLU A 64 3.57 -14.09 -10.65
C GLU A 64 3.85 -13.72 -9.21
N LEU A 65 2.97 -12.90 -8.62
CA LEU A 65 3.11 -12.59 -7.22
C LEU A 65 2.88 -13.80 -6.36
N GLU A 66 1.87 -14.60 -6.66
N GLU A 66 1.85 -14.60 -6.67
CA GLU A 66 1.63 -15.83 -5.91
CA GLU A 66 1.61 -15.85 -5.93
C GLU A 66 2.87 -16.73 -5.99
C GLU A 66 2.84 -16.74 -6.00
N ALA A 67 3.47 -16.82 -7.17
CA ALA A 67 4.65 -17.68 -7.32
C ALA A 67 5.84 -17.17 -6.50
N ILE A 68 6.00 -15.85 -6.34
CA ILE A 68 7.06 -15.32 -5.50
C ILE A 68 6.77 -15.63 -4.05
N VAL A 69 5.52 -15.49 -3.60
CA VAL A 69 5.13 -15.85 -2.25
C VAL A 69 5.49 -17.33 -1.97
N GLU A 70 5.17 -18.20 -2.92
CA GLU A 70 5.43 -19.62 -2.78
C GLU A 70 6.96 -19.91 -2.83
N MET A 71 7.67 -19.19 -3.67
N MET A 71 7.68 -19.20 -3.68
CA MET A 71 9.11 -19.33 -3.74
CA MET A 71 9.14 -19.33 -3.72
C MET A 71 9.77 -19.01 -2.38
C MET A 71 9.76 -19.02 -2.35
N LEU A 72 9.21 -18.04 -1.68
CA LEU A 72 9.72 -17.57 -0.39
C LEU A 72 9.23 -18.47 0.78
N GLY A 73 8.48 -19.53 0.49
CA GLY A 73 8.04 -20.49 1.47
C GLY A 73 6.68 -20.21 2.06
N GLY A 74 5.93 -19.29 1.46
CA GLY A 74 4.64 -18.88 1.94
C GLY A 74 3.53 -19.47 1.10
N ARG A 75 2.32 -19.01 1.39
CA ARG A 75 1.14 -19.43 0.64
C ARG A 75 0.04 -18.44 0.77
N VAL A 76 -0.85 -18.48 -0.20
CA VAL A 76 -2.10 -17.69 -0.14
C VAL A 76 -2.99 -18.31 0.92
N MET A 77 -3.58 -17.46 1.77
CA MET A 77 -4.31 -17.89 2.96
C MET A 77 -5.80 -17.73 2.86
N GLU A 78 -6.21 -16.62 2.28
CA GLU A 78 -7.60 -16.17 2.35
C GLU A 78 -7.86 -15.26 1.18
N GLU A 79 -9.02 -15.37 0.55
CA GLU A 79 -9.45 -14.39 -0.42
C GLU A 79 -10.37 -13.39 0.28
N LEU A 80 -10.22 -12.11 -0.08
CA LEU A 80 -11.13 -11.07 0.43
C LEU A 80 -11.88 -10.45 -0.71
N ASP A 81 -12.79 -9.53 -0.41
CA ASP A 81 -13.55 -8.94 -1.49
C ASP A 81 -12.67 -8.11 -2.41
N TYR A 82 -11.56 -7.58 -1.89
CA TYR A 82 -10.77 -6.66 -2.68
C TYR A 82 -9.42 -7.27 -3.14
N GLY A 83 -9.10 -8.48 -2.71
CA GLY A 83 -7.75 -8.95 -2.93
C GLY A 83 -7.55 -10.24 -2.17
N PHE A 84 -6.32 -10.50 -1.73
CA PHE A 84 -6.03 -11.74 -0.99
C PHE A 84 -4.97 -11.55 0.09
N LEU A 85 -5.04 -12.38 1.13
N LEU A 85 -4.97 -12.51 1.00
CA LEU A 85 -4.01 -12.38 2.16
CA LEU A 85 -4.14 -12.50 2.17
C LEU A 85 -3.12 -13.57 1.86
C LEU A 85 -3.14 -13.65 2.05
N ALA A 86 -1.84 -13.37 2.12
CA ALA A 86 -0.83 -14.43 2.08
C ALA A 86 -0.01 -14.42 3.35
N GLU A 87 0.65 -15.52 3.64
N GLU A 87 0.53 -15.57 3.72
CA GLU A 87 1.43 -15.67 4.86
CA GLU A 87 1.48 -15.59 4.82
C GLU A 87 2.79 -16.25 4.50
C GLU A 87 2.81 -16.12 4.32
N ILE A 88 3.85 -15.55 4.87
CA ILE A 88 5.22 -16.06 4.67
C ILE A 88 5.79 -16.15 6.07
N GLY A 89 5.95 -17.36 6.55
CA GLY A 89 6.19 -17.58 7.95
C GLY A 89 5.09 -17.00 8.78
N ASP A 90 5.48 -16.18 9.72
CA ASP A 90 4.55 -15.48 10.60
C ASP A 90 4.14 -14.10 10.11
N GLU A 91 4.54 -13.74 8.90
CA GLU A 91 4.24 -12.41 8.37
C GLU A 91 3.12 -12.43 7.39
N LEU A 92 2.23 -11.46 7.51
CA LEU A 92 1.08 -11.34 6.65
C LEU A 92 1.25 -10.33 5.54
N LEU A 93 0.90 -10.73 4.31
CA LEU A 93 0.89 -9.86 3.16
C LEU A 93 -0.54 -9.63 2.75
N ASP A 94 -0.96 -8.38 2.67
CA ASP A 94 -2.34 -8.00 2.35
C ASP A 94 -2.31 -7.41 0.96
N CYS A 95 -2.76 -8.17 -0.02
CA CYS A 95 -2.46 -7.88 -1.45
C CYS A 95 -3.69 -7.47 -2.24
N GLU A 96 -3.62 -6.34 -2.93
CA GLU A 96 -4.73 -5.85 -3.71
C GLU A 96 -4.27 -5.59 -5.15
N PRO A 97 -5.11 -5.89 -6.13
CA PRO A 97 -4.75 -5.62 -7.52
C PRO A 97 -4.90 -4.15 -7.87
N ALA A 98 -4.04 -3.72 -8.81
CA ALA A 98 -4.25 -2.50 -9.61
C ALA A 98 -4.32 -2.92 -11.07
N TRP A 99 -4.96 -2.10 -11.89
CA TRP A 99 -5.25 -2.48 -13.24
C TRP A 99 -4.78 -1.39 -14.17
N TRP A 100 -4.32 -1.78 -15.35
CA TRP A 100 -3.78 -0.84 -16.31
C TRP A 100 -4.86 0.10 -16.79
N ALA A 101 -4.51 1.39 -16.69
N ALA A 101 -4.63 1.39 -16.72
CA ALA A 101 -5.31 2.57 -17.02
CA ALA A 101 -5.56 2.32 -17.29
C ALA A 101 -4.46 3.67 -17.73
C ALA A 101 -5.13 2.64 -18.73
N ASP A 102 -4.81 3.90 -18.98
CA ASP A 102 -4.08 4.38 -20.13
C ASP A 102 -2.56 4.22 -20.09
N GLU A 103 -1.90 4.92 -19.16
CA GLU A 103 -0.43 4.94 -19.12
C GLU A 103 0.11 4.60 -17.73
N ALA A 104 -0.69 3.99 -16.86
CA ALA A 104 -0.22 3.59 -15.55
C ALA A 104 -1.15 2.57 -14.94
N TYR A 105 -0.70 1.85 -13.96
CA TYR A 105 -1.57 1.04 -13.15
C TYR A 105 -2.32 1.90 -12.22
N GLU A 106 -3.57 1.55 -11.97
CA GLU A 106 -4.38 2.24 -10.98
C GLU A 106 -5.18 1.31 -10.09
N ILE A 107 -5.24 1.63 -8.80
CA ILE A 107 -6.19 0.99 -7.91
C ILE A 107 -7.61 1.45 -8.35
N ALA A 108 -8.56 0.53 -8.45
CA ALA A 108 -9.90 0.89 -8.90
C ALA A 108 -10.49 1.93 -7.98
N GLU A 109 -11.06 2.95 -8.60
CA GLU A 109 -11.79 4.03 -7.94
C GLU A 109 -10.90 5.00 -7.12
N ALA A 110 -9.59 4.82 -7.12
CA ALA A 110 -8.67 5.68 -6.40
C ALA A 110 -8.31 6.90 -7.23
N PRO A 111 -7.76 7.92 -6.60
CA PRO A 111 -7.26 9.08 -7.35
C PRO A 111 -6.17 8.68 -8.33
N GLN A 112 -6.18 9.26 -9.51
CA GLN A 112 -5.13 9.01 -10.51
C GLN A 112 -3.73 9.23 -9.93
N GLY A 113 -2.81 8.40 -10.37
CA GLY A 113 -1.46 8.45 -9.86
C GLY A 113 -1.24 7.55 -8.67
N SER A 114 -2.17 6.62 -8.42
CA SER A 114 -2.16 5.81 -7.20
C SER A 114 -0.95 4.89 -7.15
N CYS A 115 -0.44 4.49 -8.32
CA CYS A 115 0.66 3.53 -8.44
C CYS A 115 1.76 4.06 -9.34
N PRO A 116 2.53 5.04 -8.86
CA PRO A 116 3.55 5.68 -9.71
C PRO A 116 4.66 4.72 -10.12
N GLU A 117 5.11 4.85 -11.37
N GLU A 117 5.11 4.88 -11.37
CA GLU A 117 6.24 4.01 -11.82
CA GLU A 117 6.25 4.10 -11.86
C GLU A 117 7.53 4.37 -11.07
C GLU A 117 7.52 4.38 -11.08
N ALA A 118 7.72 5.64 -10.72
CA ALA A 118 8.88 6.05 -9.91
C ALA A 118 8.86 5.47 -8.51
N ALA A 119 10.03 5.09 -8.02
CA ALA A 119 10.18 4.63 -6.62
C ALA A 119 10.32 5.87 -5.76
N GLU A 120 9.28 6.23 -5.01
CA GLU A 120 9.22 7.47 -4.28
C GLU A 120 9.36 7.34 -2.77
N GLY A 121 9.54 6.11 -2.28
CA GLY A 121 9.84 5.86 -0.89
C GLY A 121 11.19 5.19 -0.69
N VAL A 122 11.58 5.00 0.56
N VAL A 122 11.59 5.01 0.56
CA VAL A 122 12.82 4.32 0.88
CA VAL A 122 12.83 4.31 0.86
C VAL A 122 12.55 3.43 2.09
C VAL A 122 12.63 3.47 2.13
N ILE A 123 13.10 2.22 2.08
CA ILE A 123 13.02 1.32 3.21
C ILE A 123 14.42 0.74 3.35
N ALA A 124 15.01 0.95 4.54
CA ALA A 124 16.38 0.51 4.82
C ALA A 124 17.35 0.95 3.75
N GLY A 125 17.25 2.22 3.40
CA GLY A 125 18.13 2.86 2.45
C GLY A 125 17.87 2.59 0.96
N ARG A 126 16.93 1.69 0.65
CA ARG A 126 16.67 1.29 -0.74
C ARG A 126 15.40 1.94 -1.29
N PRO A 127 15.49 2.60 -2.45
CA PRO A 127 14.24 3.09 -3.03
C PRO A 127 13.21 1.97 -3.25
N VAL A 128 11.96 2.27 -2.97
CA VAL A 128 10.87 1.34 -3.22
C VAL A 128 9.69 2.06 -3.81
N ARG A 129 8.96 1.38 -4.68
CA ARG A 129 7.68 1.88 -5.16
C ARG A 129 6.65 1.79 -4.02
N CYS A 130 5.76 2.76 -4.03
N CYS A 130 5.94 2.90 -3.82
CA CYS A 130 4.74 2.82 -2.98
CA CYS A 130 4.80 2.96 -2.88
C CYS A 130 3.60 3.71 -3.45
C CYS A 130 3.61 3.66 -3.52
N ASN A 131 2.41 3.38 -2.99
CA ASN A 131 1.24 4.15 -3.39
C ASN A 131 1.40 5.64 -3.06
N SER A 132 0.76 6.46 -3.86
CA SER A 132 0.76 7.89 -3.65
C SER A 132 0.16 8.26 -2.29
N TRP A 133 0.51 9.43 -1.77
CA TRP A 133 -0.15 9.92 -0.59
C TRP A 133 -1.66 9.97 -0.78
N GLU A 134 -2.10 10.47 -1.92
N GLU A 134 -2.11 10.48 -1.92
CA GLU A 134 -3.53 10.59 -2.14
CA GLU A 134 -3.55 10.60 -2.13
C GLU A 134 -4.26 9.24 -2.07
C GLU A 134 -4.26 9.23 -2.06
N ALA A 135 -3.64 8.17 -2.60
CA ALA A 135 -4.22 6.84 -2.50
C ALA A 135 -4.19 6.26 -1.10
N ILE A 136 -3.12 6.53 -0.37
CA ILE A 136 -3.02 6.15 1.05
C ILE A 136 -4.14 6.77 1.85
N ILE A 137 -4.33 8.08 1.67
N ILE A 137 -4.33 8.07 1.67
CA ILE A 137 -5.33 8.83 2.40
CA ILE A 137 -5.35 8.83 2.38
C ILE A 137 -6.74 8.42 1.95
C ILE A 137 -6.76 8.42 1.95
N TRP A 138 -6.93 8.15 0.66
CA TRP A 138 -8.25 7.73 0.13
C TRP A 138 -8.73 6.48 0.85
N ASP A 139 -7.85 5.54 1.15
CA ASP A 139 -8.32 4.35 1.87
C ASP A 139 -8.74 4.65 3.29
N TYR A 140 -8.21 5.69 3.91
CA TYR A 140 -8.72 6.11 5.20
C TYR A 140 -10.10 6.72 5.11
N PHE A 141 -10.44 7.30 3.98
CA PHE A 141 -11.80 7.79 3.81
C PHE A 141 -12.81 6.65 3.78
N TYR A 142 -12.46 5.55 3.12
CA TYR A 142 -13.35 4.40 3.15
C TYR A 142 -13.47 3.88 4.59
N TYR A 143 -12.34 3.85 5.27
CA TYR A 143 -12.30 3.37 6.66
C TYR A 143 -13.24 4.24 7.51
N ALA A 144 -13.23 5.55 7.31
CA ALA A 144 -14.05 6.51 8.05
C ALA A 144 -15.51 6.25 7.84
N ASP A 145 -15.90 5.77 6.68
CA ASP A 145 -17.28 5.41 6.51
C ASP A 145 -17.64 4.11 7.22
N GLU A 146 -16.65 3.25 7.45
CA GLU A 146 -16.85 2.01 8.21
C GLU A 146 -16.68 2.19 9.72
N VAL A 147 -15.90 3.18 10.16
CA VAL A 147 -15.67 3.47 11.58
C VAL A 147 -15.33 4.92 11.83
N PRO A 148 -16.03 5.61 12.76
CA PRO A 148 -15.68 7.02 12.90
C PRO A 148 -14.21 7.21 13.34
N PRO A 149 -13.52 8.22 12.80
CA PRO A 149 -12.10 8.43 13.09
C PRO A 149 -11.85 8.55 14.59
N VAL A 150 -12.77 9.16 15.34
CA VAL A 150 -12.61 9.17 16.78
C VAL A 150 -12.63 7.78 17.43
N ASP A 151 -13.20 6.80 16.73
CA ASP A 151 -13.21 5.42 17.20
C ASP A 151 -12.07 4.54 16.61
N TRP A 152 -11.13 5.12 15.88
CA TRP A 152 -10.01 4.33 15.37
C TRP A 152 -9.00 4.01 16.48
N PRO A 153 -8.39 2.80 16.44
CA PRO A 153 -7.20 2.61 17.30
C PRO A 153 -6.22 3.76 17.14
N THR A 154 -5.58 4.18 18.21
CA THR A 154 -4.59 5.27 18.20
C THR A 154 -3.57 5.18 17.08
N LYS A 155 -3.07 3.98 16.83
CA LYS A 155 -2.02 3.82 15.86
C LYS A 155 -2.54 4.29 14.50
N HIS A 156 -3.83 4.07 14.23
CA HIS A 156 -4.38 4.41 12.92
C HIS A 156 -4.65 5.89 12.84
N ILE A 157 -5.11 6.47 13.95
CA ILE A 157 -5.24 7.92 14.02
C ILE A 157 -3.91 8.58 13.79
N GLU A 158 -2.84 8.08 14.43
CA GLU A 158 -1.54 8.72 14.32
C GLU A 158 -0.98 8.55 12.93
N SER A 159 -1.22 7.39 12.31
CA SER A 159 -0.74 7.16 10.94
C SER A 159 -1.48 8.08 9.95
N TYR A 160 -2.81 8.16 10.09
CA TYR A 160 -3.60 9.08 9.28
C TYR A 160 -3.08 10.51 9.41
N ARG A 161 -2.85 10.95 10.65
CA ARG A 161 -2.49 12.35 10.88
C ARG A 161 -1.11 12.60 10.31
N LEU A 162 -0.27 11.60 10.38
CA LEU A 162 1.02 11.70 9.81
C LEU A 162 1.04 11.80 8.26
N ALA A 163 0.22 10.96 7.62
CA ALA A 163 0.04 11.05 6.15
C ALA A 163 -0.54 12.42 5.76
N CYS A 164 -1.51 12.89 6.54
N CYS A 164 -1.53 12.86 6.55
CA CYS A 164 -2.17 14.16 6.24
CA CYS A 164 -2.22 14.14 6.35
C CYS A 164 -1.22 15.34 6.39
C CYS A 164 -1.23 15.30 6.41
N THR A 165 -0.36 15.31 7.42
CA THR A 165 0.62 16.37 7.57
C THR A 165 1.64 16.29 6.44
N SER A 166 2.02 15.10 6.00
CA SER A 166 2.97 14.99 4.96
C SER A 166 2.48 15.60 3.63
N LEU A 167 1.24 15.28 3.26
CA LEU A 167 0.64 15.74 2.01
C LEU A 167 0.25 17.22 2.13
N GLY A 168 -0.35 17.57 3.28
CA GLY A 168 -0.85 18.90 3.54
C GLY A 168 -2.32 18.82 3.88
N ALA A 169 -2.71 19.48 4.97
CA ALA A 169 -4.09 19.33 5.47
C ALA A 169 -5.12 19.90 4.52
N GLU A 170 -4.78 20.97 3.85
CA GLU A 170 -5.68 21.54 2.86
C GLU A 170 -5.90 20.62 1.69
N LYS A 171 -4.83 20.02 1.16
CA LYS A 171 -4.96 19.01 0.11
C LYS A 171 -5.80 17.84 0.58
N VAL A 172 -5.67 17.42 1.83
CA VAL A 172 -6.50 16.36 2.34
C VAL A 172 -7.98 16.77 2.38
N GLU A 173 -8.29 17.98 2.79
CA GLU A 173 -9.68 18.36 2.97
C GLU A 173 -10.35 18.47 1.61
N VAL A 174 -9.62 18.96 0.63
N VAL A 174 -9.65 18.95 0.58
CA VAL A 174 -10.13 19.01 -0.73
CA VAL A 174 -10.31 18.97 -0.74
C VAL A 174 -10.37 17.60 -1.27
C VAL A 174 -10.40 17.57 -1.31
N LEU A 175 -9.43 16.69 -1.06
CA LEU A 175 -9.60 15.30 -1.47
C LEU A 175 -10.78 14.64 -0.79
N ARG A 176 -11.01 14.98 0.49
CA ARG A 176 -12.15 14.46 1.22
C ARG A 176 -13.48 14.93 0.63
N ALA A 177 -13.52 16.19 0.22
CA ALA A 177 -14.68 16.70 -0.47
C ALA A 177 -14.92 15.99 -1.78
N ALA A 178 -13.85 15.64 -2.50
CA ALA A 178 -14.01 14.88 -3.72
C ALA A 178 -14.57 13.49 -3.43
N PHE A 179 -14.08 12.83 -2.39
CA PHE A 179 -14.56 11.51 -1.97
C PHE A 179 -16.05 11.59 -1.64
N ARG A 180 -16.44 12.60 -0.89
CA ARG A 180 -17.87 12.77 -0.54
C ARG A 180 -18.71 12.99 -1.79
N SER A 181 -18.18 13.70 -2.76
N SER A 181 -18.19 13.72 -2.77
CA SER A 181 -18.93 13.95 -4.00
CA SER A 181 -18.94 13.96 -4.01
C SER A 181 -19.10 12.64 -4.77
C SER A 181 -19.10 12.67 -4.81
N ARG A 182 -18.05 11.87 -4.84
CA ARG A 182 -18.06 10.62 -5.56
C ARG A 182 -19.11 9.74 -4.98
N TYR A 183 -19.12 9.63 -3.65
CA TYR A 183 -19.94 8.62 -3.00
C TYR A 183 -21.22 9.14 -2.35
N ALA A 184 -21.62 10.34 -2.73
CA ALA A 184 -22.83 10.92 -2.18
C ALA A 184 -24.05 10.12 -2.62
MN MN B . -0.96 -2.69 6.99
MN MN C . -3.50 -4.64 5.73
PG APC D . 0.03 -1.54 9.95
O1G APC D . 0.14 -1.80 11.50
O2G APC D . -0.62 -2.71 9.25
O3G APC D . 1.23 -1.05 9.35
PB APC D . -1.95 -0.04 8.60
O1B APC D . -2.26 1.48 8.55
O2B APC D . -1.29 -0.57 7.36
O3B APC D . -0.98 -0.28 9.80
PA APC D . -4.16 -2.04 7.95
O1A APC D . -5.23 -2.91 8.56
O2A APC D . -3.10 -2.85 7.19
C3A APC D . -3.38 -0.97 9.12
O5' APC D . -4.96 -1.22 6.87
C5' APC D . -4.43 -0.73 5.61
C4' APC D . -5.25 0.49 5.32
O4' APC D . -6.64 0.11 5.20
C3' APC D . -5.19 1.48 6.44
O3' APC D . -4.08 2.33 6.14
C2' APC D . -6.55 2.15 6.41
O2' APC D . -6.44 3.15 5.40
C1' APC D . -7.47 1.00 5.95
N9 APC D . -8.21 0.26 7.00
C8 APC D . -7.77 -0.23 8.20
N7 APC D . -8.65 -1.00 8.82
C5 APC D . -9.75 -0.98 7.98
C6 APC D . -11.05 -1.51 8.12
N6 APC D . -11.45 -2.25 9.15
N1 APC D . -11.96 -1.22 7.16
C2 APC D . -11.57 -0.47 6.13
N3 APC D . -10.37 0.07 5.88
C4 APC D . -9.50 -0.20 6.85
O6 51G E . -5.75 -4.33 6.32
C14 51G E . -7.17 -4.38 6.38
C15 51G E . -7.67 -5.78 6.06
N 51G E . -7.13 -6.78 6.98
C19 51G E . -6.57 -7.95 6.31
C16 51G E . -9.19 -5.81 6.16
C18 51G E . -9.76 -7.15 5.73
O5 51G E . -9.49 -5.62 7.55
C17 51G E . -9.79 -4.69 5.29
O4 51G E . -9.19 -3.42 5.55
C13 51G E . -7.78 -3.36 5.43
O3 51G E . -7.46 -3.69 4.10
C11 51G E . -7.44 -2.64 3.09
C10 51G E . -6.46 -3.09 2.00
N1 51G E . -5.10 -3.36 2.50
C9 51G E . -6.43 -2.03 0.89
C8 51G E . -7.83 -1.82 0.28
N2 51G E . -7.76 -0.79 -0.78
C12 51G E . -8.82 -2.45 2.50
O2 51G E . -9.73 -1.92 3.49
C7 51G E . -8.83 -1.45 1.35
O1 51G E . -10.13 -1.52 0.74
C6 51G E . -10.75 -0.30 0.37
C5 51G E . -12.16 -0.24 0.97
N3 51G E . -12.14 -0.48 2.41
C4 51G E . -12.98 -1.33 0.29
C3 51G E . -12.96 -1.07 -1.20
O 51G E . -10.75 -0.10 -1.02
C2 51G E . -11.55 -1.07 -1.75
C1 51G E . -11.45 -0.69 -3.21
C 51G E . -12.14 0.64 -3.47
N4 51G E . -10.05 -0.65 -3.65
C20 51G E . -9.92 -0.59 -5.09
O1 P6G F . 15.17 -13.60 8.43
C2 P6G F . 16.39 -14.23 8.75
C3 P6G F . 17.26 -13.65 7.67
O4 P6G F . 17.08 -14.45 6.51
C5 P6G F . 18.20 -14.36 5.68
C6 P6G F . 18.43 -15.77 5.17
O7 P6G F . 17.66 -15.88 3.97
C8 P6G F . 17.99 -16.93 3.13
C9 P6G F . 17.24 -16.75 1.83
O10 P6G F . 15.87 -16.93 2.12
C11 P6G F . 15.15 -16.87 0.89
C12 P6G F . 13.74 -17.27 1.21
O13 P6G F . 13.25 -16.38 2.16
C14 P6G F . 12.01 -16.83 2.53
C15 P6G F . 11.42 -15.63 3.20
O16 P6G F . 12.05 -15.36 4.45
C17 P6G F . 12.00 -14.07 4.93
C18 P6G F . 12.58 -13.78 6.27
O19 P6G F . 13.96 -13.28 6.00
#